data_3P89
#
_entry.id   3P89
#
_cell.length_a   159.911
_cell.length_b   159.911
_cell.length_c   159.911
_cell.angle_alpha   90.00
_cell.angle_beta   90.00
_cell.angle_gamma   90.00
#
_symmetry.space_group_name_H-M   'F 2 3'
#
loop_
_entity.id
_entity.type
_entity.pdbx_description
1 polymer 'Farnesoid X receptor'
2 polymer 'Nuclear receptor coactivator 1'
3 non-polymer '6-(4-{[3-(2,6-dichlorophenyl)-5-(1-methylethyl)isoxazol-4-yl]methoxy}phenyl)quinoline-2-carboxylic acid'
4 non-polymer 'SULFATE ION'
5 water water
#
loop_
_entity_poly.entity_id
_entity_poly.type
_entity_poly.pdbx_seq_one_letter_code
_entity_poly.pdbx_strand_id
1 'polypeptide(L)'
;ELTPDQQTLLHFIMDSYNKQRMPQEITNKILKEEFSAEENFLILTEMATNHVQVLVEFTKKLPGFQTLDHEDQIALLKGS
AVEAMFLRSAEIFNKKLPSGHSDLLEERIRNSGISDEYITPMFSFYKSIGELKMTQEEYALLTAIVILSPDRQYIKDREA
VEKLQEPLLDVLQKLCKIHQPENPQHFAELLGRLTELRTFNHHHAEMLMSWRVNDHKFTPLLEEIWDVQ
;
A
2 'polypeptide(L)' DHQLLRYLLDK B
#
loop_
_chem_comp.id
_chem_comp.type
_chem_comp.name
_chem_comp.formula
89P non-polymer '6-(4-{[3-(2,6-dichlorophenyl)-5-(1-methylethyl)isoxazol-4-yl]methoxy}phenyl)quinoline-2-carboxylic acid' 'C29 H22 Cl2 N2 O4'
SO4 non-polymer 'SULFATE ION' 'O4 S -2'
#
# COMPACT_ATOMS: atom_id res chain seq x y z
N PRO A 4 6.43 -25.49 6.25
CA PRO A 4 7.20 -24.42 6.89
C PRO A 4 8.72 -24.61 6.74
N ASP A 5 9.17 -25.03 5.56
CA ASP A 5 10.56 -25.39 5.32
C ASP A 5 11.52 -24.37 5.92
N GLN A 6 11.35 -23.11 5.53
CA GLN A 6 12.03 -21.98 6.17
C GLN A 6 11.05 -20.81 6.28
N GLN A 7 10.08 -20.96 7.18
CA GLN A 7 9.09 -19.93 7.46
C GLN A 7 9.66 -18.81 8.34
N THR A 8 10.96 -18.87 8.61
CA THR A 8 11.66 -17.80 9.34
C THR A 8 11.54 -16.46 8.62
N LEU A 9 11.49 -16.49 7.29
CA LEU A 9 11.34 -15.27 6.50
C LEU A 9 10.01 -14.58 6.83
N LEU A 10 8.97 -15.36 7.14
CA LEU A 10 7.69 -14.81 7.58
C LEU A 10 7.84 -14.10 8.92
N HIS A 11 8.71 -14.64 9.78
CA HIS A 11 8.99 -14.04 11.09
C HIS A 11 9.39 -12.57 10.96
N PHE A 12 10.44 -12.31 10.18
CA PHE A 12 10.96 -10.95 10.07
C PHE A 12 10.15 -10.07 9.10
N ILE A 13 9.32 -10.69 8.27
CA ILE A 13 8.37 -9.94 7.45
C ILE A 13 7.28 -9.33 8.34
N MET A 14 6.74 -10.12 9.25
CA MET A 14 5.77 -9.61 10.23
C MET A 14 6.45 -8.67 11.22
N ASP A 15 7.72 -8.93 11.53
CA ASP A 15 8.53 -8.02 12.33
C ASP A 15 8.66 -6.68 11.61
N SER A 16 8.96 -6.73 10.31
CA SER A 16 9.04 -5.54 9.47
C SER A 16 7.68 -4.87 9.34
N TYR A 17 6.64 -5.67 9.10
CA TYR A 17 5.28 -5.16 8.92
C TYR A 17 4.74 -4.44 10.16
N ASN A 18 5.21 -4.86 11.33
CA ASN A 18 4.84 -4.23 12.59
C ASN A 18 5.86 -3.18 13.06
N LYS A 19 7.02 -3.15 12.41
CA LYS A 19 8.12 -2.27 12.83
C LYS A 19 7.80 -0.79 12.61
N GLN A 20 7.65 -0.40 11.34
CA GLN A 20 7.35 0.98 10.99
C GLN A 20 5.86 1.26 11.20
N ARG A 21 5.57 2.36 11.90
CA ARG A 21 4.19 2.68 12.29
C ARG A 21 3.93 4.19 12.25
N MET A 22 2.69 4.55 11.94
CA MET A 22 2.26 5.93 11.89
C MET A 22 2.11 6.44 13.32
N PRO A 23 2.74 7.58 13.65
CA PRO A 23 2.59 8.13 15.01
C PRO A 23 1.14 8.49 15.35
N GLN A 24 0.74 8.16 16.57
CA GLN A 24 -0.64 8.38 17.02
C GLN A 24 -1.04 9.86 16.92
N GLU A 25 -0.08 10.74 17.18
CA GLU A 25 -0.33 12.18 17.12
C GLU A 25 -0.72 12.62 15.72
N ILE A 26 -0.21 11.94 14.71
CA ILE A 26 -0.54 12.27 13.31
C ILE A 26 -1.88 11.66 12.89
N THR A 27 -2.11 10.39 13.23
CA THR A 27 -3.38 9.74 12.89
C THR A 27 -4.58 10.26 13.71
N ASN A 28 -4.33 10.85 14.88
CA ASN A 28 -5.39 11.49 15.68
C ASN A 28 -6.11 12.62 14.94
N LYS A 29 -5.44 13.22 13.96
CA LYS A 29 -6.01 14.31 13.16
C LYS A 29 -7.21 13.86 12.34
N ILE A 30 -7.23 12.58 11.94
CA ILE A 30 -8.36 12.01 11.21
C ILE A 30 -9.64 12.24 12.01
N LEU A 31 -9.57 12.01 13.32
CA LEU A 31 -10.67 12.24 14.25
C LEU A 31 -10.80 13.69 14.69
N LYS A 32 -9.66 14.31 15.01
CA LYS A 32 -9.62 15.53 15.82
C LYS A 32 -9.97 16.82 15.06
N GLU A 33 -9.61 16.86 13.77
CA GLU A 33 -9.66 18.10 13.01
C GLU A 33 -11.03 18.37 12.40
N GLU A 34 -11.25 19.63 12.05
CA GLU A 34 -12.40 20.07 11.28
C GLU A 34 -12.66 19.18 10.07
N PHE A 35 -13.94 19.00 9.74
CA PHE A 35 -14.34 18.31 8.53
C PHE A 35 -14.79 19.31 7.47
N SER A 36 -13.91 19.55 6.51
CA SER A 36 -14.20 20.35 5.33
C SER A 36 -13.39 19.76 4.19
N ALA A 37 -13.77 20.10 2.96
CA ALA A 37 -13.07 19.60 1.78
C ALA A 37 -11.57 19.87 1.84
N GLU A 38 -11.20 21.08 2.26
CA GLU A 38 -9.79 21.46 2.27
C GLU A 38 -8.99 20.73 3.34
N GLU A 39 -9.51 20.74 4.56
CA GLU A 39 -8.86 20.03 5.66
C GLU A 39 -8.81 18.51 5.44
N ASN A 40 -9.87 17.95 4.86
CA ASN A 40 -9.89 16.53 4.52
C ASN A 40 -8.75 16.19 3.58
N PHE A 41 -8.61 16.98 2.52
CA PHE A 41 -7.50 16.81 1.58
C PHE A 41 -6.13 16.92 2.26
N LEU A 42 -5.96 17.92 3.11
CA LEU A 42 -4.67 18.10 3.80
C LEU A 42 -4.33 16.92 4.71
N ILE A 43 -5.33 16.40 5.42
CA ILE A 43 -5.09 15.26 6.32
C ILE A 43 -4.73 14.02 5.51
N LEU A 44 -5.48 13.76 4.42
CA LEU A 44 -5.15 12.63 3.54
C LEU A 44 -3.74 12.74 2.95
N THR A 45 -3.35 13.94 2.54
CA THR A 45 -2.00 14.19 2.02
C THR A 45 -0.93 13.90 3.09
N GLU A 46 -1.17 14.37 4.31
CA GLU A 46 -0.24 14.08 5.41
C GLU A 46 -0.15 12.58 5.72
N MET A 47 -1.29 11.90 5.74
CA MET A 47 -1.30 10.44 5.96
C MET A 47 -0.50 9.73 4.87
N ALA A 48 -0.74 10.11 3.61
CA ALA A 48 -0.06 9.50 2.46
C ALA A 48 1.45 9.72 2.49
N THR A 49 1.87 10.95 2.76
CA THR A 49 3.30 11.27 2.74
C THR A 49 4.02 10.58 3.91
N ASN A 50 3.34 10.47 5.05
CA ASN A 50 3.88 9.70 6.17
C ASN A 50 3.94 8.21 5.85
N HIS A 51 2.88 7.70 5.24
CA HIS A 51 2.84 6.28 4.90
C HIS A 51 3.90 5.88 3.88
N VAL A 52 4.24 6.78 2.95
CA VAL A 52 5.31 6.51 2.00
C VAL A 52 6.62 6.21 2.72
N GLN A 53 6.88 6.95 3.80
CA GLN A 53 8.08 6.75 4.60
C GLN A 53 8.03 5.43 5.34
N VAL A 54 6.85 5.06 5.84
CA VAL A 54 6.67 3.74 6.47
C VAL A 54 6.91 2.65 5.43
N LEU A 55 6.33 2.85 4.24
CA LEU A 55 6.52 1.95 3.10
C LEU A 55 7.99 1.72 2.77
N VAL A 56 8.77 2.81 2.69
CA VAL A 56 10.18 2.71 2.33
C VAL A 56 10.94 1.86 3.36
N GLU A 57 10.66 2.11 4.64
CA GLU A 57 11.29 1.33 5.71
C GLU A 57 10.87 -0.14 5.73
N PHE A 58 9.65 -0.43 5.29
CA PHE A 58 9.19 -1.81 5.16
C PHE A 58 9.91 -2.49 3.99
N THR A 59 9.95 -1.80 2.85
CA THR A 59 10.61 -2.32 1.65
C THR A 59 12.08 -2.61 1.88
N LYS A 60 12.77 -1.68 2.55
CA LYS A 60 14.18 -1.86 2.93
C LYS A 60 14.42 -3.17 3.68
N LYS A 61 13.56 -3.45 4.65
CA LYS A 61 13.71 -4.63 5.50
C LYS A 61 13.41 -5.94 4.76
N LEU A 62 12.75 -5.87 3.60
CA LEU A 62 12.39 -7.07 2.84
C LEU A 62 13.61 -7.89 2.41
N PRO A 63 13.45 -9.23 2.32
CA PRO A 63 14.57 -10.12 2.03
C PRO A 63 15.32 -9.76 0.75
N GLY A 64 16.56 -9.31 0.91
CA GLY A 64 17.44 -9.04 -0.21
C GLY A 64 17.02 -7.90 -1.11
N PHE A 65 16.27 -6.94 -0.56
CA PHE A 65 15.90 -5.75 -1.32
C PHE A 65 17.11 -4.85 -1.54
N GLN A 66 17.92 -4.69 -0.50
CA GLN A 66 19.11 -3.84 -0.56
C GLN A 66 20.22 -4.39 -1.45
N THR A 67 20.18 -5.69 -1.76
CA THR A 67 21.14 -6.29 -2.69
C THR A 67 20.77 -6.03 -4.16
N LEU A 68 19.54 -5.57 -4.40
CA LEU A 68 19.07 -5.29 -5.77
C LEU A 68 19.72 -4.06 -6.39
N ASP A 69 19.57 -3.94 -7.71
CA ASP A 69 20.07 -2.79 -8.45
C ASP A 69 19.43 -1.50 -7.94
N HIS A 70 20.24 -0.47 -7.74
CA HIS A 70 19.80 0.76 -7.11
C HIS A 70 18.65 1.48 -7.84
N GLU A 71 18.73 1.60 -9.17
CA GLU A 71 17.71 2.36 -9.91
C GLU A 71 16.43 1.57 -10.16
N ASP A 72 16.53 0.24 -10.12
CA ASP A 72 15.34 -0.62 -10.14
C ASP A 72 14.63 -0.61 -8.79
N GLN A 73 15.37 -0.36 -7.72
CA GLN A 73 14.76 -0.19 -6.39
C GLN A 73 13.78 0.99 -6.40
N ILE A 74 14.20 2.09 -7.03
CA ILE A 74 13.32 3.25 -7.22
C ILE A 74 12.10 2.86 -8.07
N ALA A 75 12.36 2.16 -9.18
CA ALA A 75 11.30 1.71 -10.08
C ALA A 75 10.22 0.89 -9.36
N LEU A 76 10.64 0.05 -8.42
CA LEU A 76 9.70 -0.76 -7.64
C LEU A 76 8.91 0.09 -6.62
N LEU A 77 9.59 1.00 -5.93
CA LEU A 77 8.94 1.91 -4.97
C LEU A 77 7.89 2.76 -5.65
N LYS A 78 8.22 3.30 -6.81
CA LYS A 78 7.31 4.14 -7.56
C LYS A 78 6.13 3.35 -8.15
N GLY A 79 6.39 2.11 -8.54
CA GLY A 79 5.37 1.27 -9.16
C GLY A 79 4.31 0.71 -8.21
N SER A 80 4.70 0.51 -6.96
CA SER A 80 3.82 -0.12 -5.96
C SER A 80 3.20 0.86 -4.96
N ALA A 81 3.54 2.15 -5.07
CA ALA A 81 3.15 3.12 -4.05
C ALA A 81 1.65 3.20 -3.88
N VAL A 82 0.94 3.50 -4.97
CA VAL A 82 -0.50 3.62 -4.94
C VAL A 82 -1.14 2.32 -4.46
N GLU A 83 -0.70 1.21 -5.04
CA GLU A 83 -1.26 -0.11 -4.70
C GLU A 83 -1.04 -0.47 -3.24
N ALA A 84 0.14 -0.15 -2.71
CA ALA A 84 0.45 -0.42 -1.31
C ALA A 84 -0.41 0.42 -0.37
N MET A 85 -0.73 1.65 -0.77
CA MET A 85 -1.58 2.53 0.04
C MET A 85 -3.03 2.10 0.02
N PHE A 86 -3.50 1.65 -1.14
CA PHE A 86 -4.84 1.06 -1.24
C PHE A 86 -4.96 -0.17 -0.35
N LEU A 87 -3.91 -0.98 -0.33
CA LEU A 87 -3.94 -2.22 0.44
C LEU A 87 -3.96 -1.93 1.94
N ARG A 88 -3.09 -1.03 2.38
CA ARG A 88 -3.03 -0.64 3.79
C ARG A 88 -4.32 0.05 4.25
N SER A 89 -4.86 0.93 3.42
CA SER A 89 -6.12 1.59 3.73
C SER A 89 -7.28 0.57 3.77
N ALA A 90 -7.24 -0.40 2.85
CA ALA A 90 -8.19 -1.53 2.88
C ALA A 90 -8.14 -2.23 4.22
N GLU A 91 -6.93 -2.50 4.70
CA GLU A 91 -6.73 -3.18 5.97
C GLU A 91 -7.32 -2.38 7.14
N ILE A 92 -7.18 -1.06 7.09
CA ILE A 92 -7.76 -0.20 8.13
C ILE A 92 -9.26 -0.35 8.17
N PHE A 93 -9.91 -0.16 7.02
CA PHE A 93 -11.36 -0.32 6.91
C PHE A 93 -11.81 -1.74 7.25
N ASN A 94 -11.09 -2.74 6.79
CA ASN A 94 -11.50 -4.14 7.00
C ASN A 94 -11.40 -4.57 8.46
N LYS A 95 -10.28 -4.25 9.10
CA LYS A 95 -10.04 -4.64 10.49
C LYS A 95 -10.50 -3.59 11.49
N LYS A 96 -10.92 -2.43 10.99
CA LYS A 96 -11.32 -1.33 11.83
C LYS A 96 -10.22 -0.95 12.83
N LEU A 97 -9.01 -0.82 12.33
CA LEU A 97 -7.86 -0.45 13.17
C LEU A 97 -8.21 0.83 13.93
N PRO A 98 -8.16 0.77 15.28
CA PRO A 98 -8.57 1.92 16.09
C PRO A 98 -7.90 3.23 15.68
N SER A 99 -6.58 3.22 15.53
CA SER A 99 -5.86 4.43 15.15
C SER A 99 -6.07 4.85 13.71
N GLY A 100 -6.78 4.04 12.93
CA GLY A 100 -7.22 4.43 11.59
C GLY A 100 -8.51 5.26 11.56
N HIS A 101 -9.30 5.18 12.63
CA HIS A 101 -10.54 5.96 12.74
C HIS A 101 -11.36 5.85 11.46
N SER A 102 -11.65 4.61 11.07
CA SER A 102 -12.12 4.31 9.72
C SER A 102 -13.37 5.06 9.26
N ASP A 103 -14.36 5.22 10.14
CA ASP A 103 -15.59 5.94 9.77
C ASP A 103 -15.29 7.40 9.44
N LEU A 104 -14.40 8.01 10.21
CA LEU A 104 -14.00 9.38 9.96
C LEU A 104 -13.00 9.47 8.79
N LEU A 105 -12.11 8.50 8.66
CA LEU A 105 -11.24 8.43 7.47
C LEU A 105 -12.11 8.38 6.21
N GLU A 106 -13.16 7.56 6.24
CA GLU A 106 -14.10 7.48 5.12
C GLU A 106 -14.80 8.81 4.81
N GLU A 107 -15.30 9.48 5.85
CA GLU A 107 -15.87 10.83 5.67
C GLU A 107 -14.91 11.76 4.92
N ARG A 108 -13.63 11.70 5.27
CA ARG A 108 -12.64 12.60 4.68
C ARG A 108 -12.34 12.24 3.23
N ILE A 109 -12.25 10.94 2.95
CA ILE A 109 -12.05 10.48 1.58
C ILE A 109 -13.22 10.86 0.70
N ARG A 110 -14.44 10.75 1.25
CA ARG A 110 -15.66 11.06 0.49
C ARG A 110 -15.93 12.56 0.32
N ASN A 111 -15.10 13.41 0.91
CA ASN A 111 -15.21 14.85 0.72
C ASN A 111 -13.83 15.47 0.69
N SER A 112 -13.06 15.07 -0.33
CA SER A 112 -11.71 15.59 -0.54
C SER A 112 -11.45 15.96 -2.01
N GLY A 113 -12.51 16.12 -2.80
CA GLY A 113 -12.38 16.47 -4.22
C GLY A 113 -12.28 15.29 -5.18
N ILE A 114 -12.56 14.08 -4.70
CA ILE A 114 -12.48 12.89 -5.55
C ILE A 114 -13.81 12.67 -6.27
N SER A 115 -13.73 12.35 -7.56
CA SER A 115 -14.93 12.06 -8.35
C SER A 115 -15.65 10.80 -7.86
N ASP A 116 -16.98 10.80 -7.99
CA ASP A 116 -17.81 9.64 -7.68
C ASP A 116 -17.36 8.42 -8.48
N GLU A 117 -16.91 8.68 -9.70
CA GLU A 117 -16.36 7.65 -10.58
C GLU A 117 -15.24 6.85 -9.92
N TYR A 118 -14.46 7.46 -9.04
CA TYR A 118 -13.35 6.78 -8.37
C TYR A 118 -13.71 6.33 -6.96
N ILE A 119 -14.57 7.08 -6.28
CA ILE A 119 -15.04 6.70 -4.95
C ILE A 119 -15.76 5.36 -5.00
N THR A 120 -16.58 5.15 -6.02
CA THR A 120 -17.42 3.96 -6.10
C THR A 120 -16.60 2.67 -6.16
N PRO A 121 -15.69 2.53 -7.14
CA PRO A 121 -14.87 1.31 -7.15
C PRO A 121 -13.86 1.22 -6.00
N MET A 122 -13.45 2.36 -5.45
CA MET A 122 -12.56 2.37 -4.28
C MET A 122 -13.20 1.61 -3.13
N PHE A 123 -14.43 1.97 -2.79
CA PHE A 123 -15.10 1.36 -1.63
C PHE A 123 -15.66 -0.02 -1.95
N SER A 124 -16.02 -0.24 -3.20
CA SER A 124 -16.37 -1.58 -3.67
C SER A 124 -15.18 -2.52 -3.52
N PHE A 125 -13.99 -2.03 -3.83
CA PHE A 125 -12.75 -2.78 -3.61
C PHE A 125 -12.55 -3.09 -2.12
N TYR A 126 -12.68 -2.06 -1.27
CA TYR A 126 -12.51 -2.23 0.18
C TYR A 126 -13.45 -3.29 0.76
N LYS A 127 -14.70 -3.27 0.31
CA LYS A 127 -15.68 -4.25 0.76
C LYS A 127 -15.27 -5.66 0.31
N SER A 128 -14.90 -5.80 -0.96
CA SER A 128 -14.53 -7.12 -1.50
C SER A 128 -13.37 -7.72 -0.73
N ILE A 129 -12.29 -6.94 -0.57
CA ILE A 129 -11.13 -7.41 0.17
C ILE A 129 -11.48 -7.75 1.62
N GLY A 130 -12.36 -6.97 2.23
CA GLY A 130 -12.86 -7.26 3.57
C GLY A 130 -13.55 -8.62 3.65
N GLU A 131 -14.37 -8.92 2.65
CA GLU A 131 -15.09 -10.19 2.60
C GLU A 131 -14.17 -11.42 2.48
N LEU A 132 -12.91 -11.22 2.10
CA LEU A 132 -11.90 -12.28 2.13
C LEU A 132 -11.51 -12.67 3.54
N LYS A 133 -11.78 -11.80 4.51
CA LYS A 133 -11.49 -12.08 5.92
C LYS A 133 -10.04 -12.49 6.10
N MET A 134 -9.13 -11.65 5.62
CA MET A 134 -7.70 -11.95 5.63
C MET A 134 -7.07 -11.73 7.01
N THR A 135 -5.98 -12.44 7.27
CA THR A 135 -5.18 -12.26 8.48
C THR A 135 -4.10 -11.20 8.24
N GLN A 136 -3.47 -10.73 9.32
CA GLN A 136 -2.40 -9.72 9.19
C GLN A 136 -1.23 -10.25 8.35
N GLU A 137 -0.99 -11.55 8.44
CA GLU A 137 0.07 -12.18 7.67
C GLU A 137 -0.22 -12.18 6.17
N GLU A 138 -1.51 -12.25 5.83
CA GLU A 138 -1.92 -12.16 4.42
C GLU A 138 -1.74 -10.75 3.88
N TYR A 139 -2.24 -9.76 4.63
CA TYR A 139 -2.04 -8.37 4.26
C TYR A 139 -0.55 -8.08 4.08
N ALA A 140 0.26 -8.53 5.04
CA ALA A 140 1.70 -8.28 5.03
C ALA A 140 2.40 -8.89 3.83
N LEU A 141 2.04 -10.13 3.50
CA LEU A 141 2.64 -10.84 2.38
C LEU A 141 2.18 -10.29 1.03
N LEU A 142 0.90 -9.95 0.92
CA LEU A 142 0.38 -9.30 -0.28
C LEU A 142 1.09 -7.97 -0.55
N THR A 143 1.32 -7.20 0.52
CA THR A 143 2.04 -5.93 0.42
C THR A 143 3.46 -6.18 -0.05
N ALA A 144 4.13 -7.14 0.55
CA ALA A 144 5.48 -7.52 0.13
C ALA A 144 5.52 -7.99 -1.33
N ILE A 145 4.51 -8.77 -1.73
CA ILE A 145 4.44 -9.30 -3.10
C ILE A 145 4.19 -8.18 -4.11
N VAL A 146 3.24 -7.31 -3.79
CA VAL A 146 2.94 -6.12 -4.59
C VAL A 146 4.17 -5.23 -4.83
N ILE A 147 4.94 -5.00 -3.77
CA ILE A 147 6.13 -4.15 -3.85
C ILE A 147 7.18 -4.77 -4.77
N LEU A 148 7.39 -6.07 -4.64
CA LEU A 148 8.38 -6.79 -5.44
C LEU A 148 7.76 -7.35 -6.72
N SER A 149 7.07 -6.50 -7.48
CA SER A 149 6.50 -6.91 -8.77
C SER A 149 7.54 -6.76 -9.89
N PRO A 150 7.79 -7.85 -10.64
CA PRO A 150 8.75 -7.81 -11.75
C PRO A 150 8.24 -7.09 -13.01
N ASP A 151 6.95 -6.76 -13.06
CA ASP A 151 6.34 -6.19 -14.28
C ASP A 151 6.14 -4.67 -14.24
N ARG A 152 6.86 -3.99 -13.34
CA ARG A 152 6.81 -2.53 -13.27
C ARG A 152 7.64 -1.94 -14.41
N GLN A 153 7.28 -0.74 -14.85
CA GLN A 153 8.04 -0.04 -15.89
C GLN A 153 9.45 0.30 -15.42
N TYR A 154 10.41 0.18 -16.34
CA TYR A 154 11.82 0.52 -16.09
C TYR A 154 12.48 -0.47 -15.12
N ASP A 157 16.76 -5.29 -14.32
CA ASP A 157 16.34 -6.58 -14.84
C ASP A 157 15.17 -7.15 -14.05
N ARG A 158 14.17 -7.66 -14.77
CA ARG A 158 12.95 -8.18 -14.16
C ARG A 158 13.21 -9.51 -13.41
N GLU A 159 14.25 -10.24 -13.82
CA GLU A 159 14.53 -11.58 -13.30
C GLU A 159 14.83 -11.62 -11.80
N ALA A 160 15.77 -10.79 -11.35
CA ALA A 160 16.19 -10.78 -9.94
C ALA A 160 15.09 -10.34 -8.96
N VAL A 161 14.06 -9.66 -9.47
CA VAL A 161 12.89 -9.33 -8.67
C VAL A 161 12.06 -10.58 -8.39
N GLU A 162 11.95 -11.45 -9.39
CA GLU A 162 11.22 -12.72 -9.25
C GLU A 162 11.85 -13.64 -8.21
N LYS A 163 13.18 -13.64 -8.19
CA LYS A 163 13.94 -14.41 -7.18
C LYS A 163 13.58 -14.00 -5.76
N LEU A 164 13.27 -12.71 -5.57
CA LEU A 164 12.88 -12.18 -4.26
C LEU A 164 11.38 -12.36 -3.97
N GLN A 165 10.55 -12.32 -5.02
CA GLN A 165 9.09 -12.37 -4.87
C GLN A 165 8.55 -13.78 -4.68
N GLU A 166 8.95 -14.70 -5.56
CA GLU A 166 8.41 -16.07 -5.56
C GLU A 166 8.40 -16.74 -4.19
N PRO A 167 9.52 -16.67 -3.44
CA PRO A 167 9.50 -17.20 -2.07
C PRO A 167 8.32 -16.71 -1.24
N LEU A 168 7.94 -15.43 -1.41
CA LEU A 168 6.82 -14.83 -0.69
C LEU A 168 5.48 -15.35 -1.21
N LEU A 169 5.38 -15.51 -2.52
CA LEU A 169 4.18 -16.10 -3.14
C LEU A 169 3.95 -17.52 -2.64
N ASP A 170 5.03 -18.28 -2.48
CA ASP A 170 4.96 -19.65 -1.98
C ASP A 170 4.46 -19.69 -0.53
N VAL A 171 4.97 -18.78 0.30
CA VAL A 171 4.55 -18.70 1.70
C VAL A 171 3.07 -18.34 1.80
N LEU A 172 2.61 -17.44 0.93
CA LEU A 172 1.19 -17.08 0.88
C LEU A 172 0.36 -18.26 0.36
N GLN A 173 0.85 -18.92 -0.68
CA GLN A 173 0.22 -20.14 -1.21
C GLN A 173 0.00 -21.16 -0.10
N LYS A 174 1.03 -21.37 0.72
CA LYS A 174 0.97 -22.37 1.79
C LYS A 174 -0.02 -21.99 2.89
N LEU A 175 0.03 -20.75 3.35
CA LEU A 175 -0.85 -20.29 4.42
C LEU A 175 -2.34 -20.36 4.06
N CYS A 176 -2.65 -20.30 2.77
CA CYS A 176 -4.02 -20.50 2.30
C CYS A 176 -4.43 -21.97 2.45
N LYS A 177 -3.55 -22.86 2.01
CA LYS A 177 -3.75 -24.29 2.16
C LYS A 177 -3.57 -24.75 3.60
N ILE A 178 -2.96 -23.90 4.44
CA ILE A 178 -2.71 -24.21 5.85
C ILE A 178 -3.67 -23.49 6.81
N HIS A 179 -4.41 -22.51 6.31
CA HIS A 179 -5.41 -21.79 7.14
C HIS A 179 -6.74 -21.52 6.41
N GLN A 180 -6.99 -22.26 5.33
CA GLN A 180 -8.29 -22.27 4.66
C GLN A 180 -8.37 -23.52 3.78
N PRO A 181 -8.43 -24.71 4.42
CA PRO A 181 -8.42 -25.98 3.68
C PRO A 181 -9.72 -26.23 2.92
N GLU A 182 -10.81 -25.62 3.37
CA GLU A 182 -12.14 -25.82 2.75
C GLU A 182 -12.33 -25.05 1.44
N ASN A 183 -11.52 -24.00 1.22
CA ASN A 183 -11.57 -23.24 -0.02
C ASN A 183 -10.21 -23.18 -0.71
N PRO A 184 -10.05 -24.01 -1.75
CA PRO A 184 -8.82 -24.07 -2.54
C PRO A 184 -8.88 -23.12 -3.76
N GLN A 185 -9.83 -22.19 -3.75
CA GLN A 185 -9.89 -21.11 -4.73
C GLN A 185 -9.54 -19.79 -4.03
N HIS A 186 -9.09 -19.89 -2.78
CA HIS A 186 -8.86 -18.73 -1.93
C HIS A 186 -7.56 -18.00 -2.29
N PHE A 187 -6.52 -18.76 -2.63
CA PHE A 187 -5.26 -18.18 -3.09
C PHE A 187 -5.49 -17.45 -4.42
N ALA A 188 -6.22 -18.10 -5.32
CA ALA A 188 -6.63 -17.49 -6.58
C ALA A 188 -7.45 -16.23 -6.34
N GLU A 189 -8.35 -16.28 -5.35
CA GLU A 189 -9.16 -15.13 -4.97
C GLU A 189 -8.29 -13.90 -4.69
N LEU A 190 -7.29 -14.08 -3.83
CA LEU A 190 -6.38 -13.00 -3.45
C LEU A 190 -5.70 -12.39 -4.67
N LEU A 191 -5.12 -13.25 -5.51
CA LEU A 191 -4.42 -12.82 -6.72
C LEU A 191 -5.34 -12.07 -7.67
N GLY A 192 -6.62 -12.44 -7.70
CA GLY A 192 -7.61 -11.74 -8.49
C GLY A 192 -7.83 -10.32 -8.00
N ARG A 193 -7.83 -10.14 -6.68
CA ARG A 193 -8.00 -8.80 -6.11
C ARG A 193 -6.79 -7.92 -6.41
N LEU A 194 -5.62 -8.52 -6.61
CA LEU A 194 -4.43 -7.76 -7.00
C LEU A 194 -4.61 -7.12 -8.36
N THR A 195 -5.18 -7.85 -9.31
CA THR A 195 -5.54 -7.28 -10.61
C THR A 195 -6.51 -6.11 -10.45
N GLU A 196 -7.50 -6.26 -9.55
CA GLU A 196 -8.42 -5.17 -9.22
C GLU A 196 -7.65 -3.98 -8.64
N LEU A 197 -6.61 -4.28 -7.86
CA LEU A 197 -5.71 -3.26 -7.29
C LEU A 197 -4.99 -2.44 -8.36
N ARG A 198 -4.65 -3.07 -9.49
CA ARG A 198 -3.94 -2.42 -10.60
C ARG A 198 -4.81 -1.35 -11.23
N THR A 199 -6.11 -1.63 -11.27
CA THR A 199 -7.12 -0.71 -11.78
C THR A 199 -7.04 0.69 -11.17
N PHE A 200 -6.56 0.80 -9.93
CA PHE A 200 -6.50 2.09 -9.25
C PHE A 200 -5.29 2.95 -9.62
N ASN A 201 -4.33 2.39 -10.33
CA ASN A 201 -3.23 3.19 -10.87
C ASN A 201 -3.75 4.26 -11.83
N HIS A 202 -4.60 3.85 -12.77
CA HIS A 202 -5.19 4.78 -13.72
C HIS A 202 -6.14 5.76 -13.02
N HIS A 203 -6.96 5.24 -12.11
CA HIS A 203 -7.88 6.10 -11.36
C HIS A 203 -7.10 7.19 -10.61
N HIS A 204 -6.04 6.78 -9.92
CA HIS A 204 -5.22 7.69 -9.13
C HIS A 204 -4.53 8.76 -9.96
N ALA A 205 -4.04 8.41 -11.15
CA ALA A 205 -3.45 9.39 -12.06
C ALA A 205 -4.46 10.46 -12.45
N GLU A 206 -5.70 10.05 -12.66
CA GLU A 206 -6.78 11.00 -12.98
C GLU A 206 -7.18 11.83 -11.77
N MET A 207 -7.15 11.22 -10.59
CA MET A 207 -7.44 11.95 -9.36
C MET A 207 -6.41 13.05 -9.15
N LEU A 208 -5.14 12.73 -9.35
CA LEU A 208 -4.05 13.70 -9.23
C LEU A 208 -4.23 14.86 -10.22
N MET A 209 -4.61 14.54 -11.46
CA MET A 209 -4.83 15.57 -12.48
C MET A 209 -5.91 16.56 -12.02
N SER A 210 -7.04 16.01 -11.56
CA SER A 210 -8.16 16.82 -11.10
C SER A 210 -7.75 17.73 -9.96
N TRP A 211 -7.09 17.14 -8.97
CA TRP A 211 -6.58 17.90 -7.82
C TRP A 211 -5.62 19.01 -8.24
N ARG A 212 -4.76 18.71 -9.20
CA ARG A 212 -3.76 19.67 -9.65
C ARG A 212 -4.37 20.86 -10.39
N VAL A 213 -5.38 20.62 -11.22
CA VAL A 213 -6.02 21.71 -11.97
C VAL A 213 -6.90 22.58 -11.07
N ASN A 214 -7.29 22.03 -9.92
CA ASN A 214 -8.00 22.80 -8.89
C ASN A 214 -7.06 23.30 -7.78
N ASP A 215 -5.79 23.52 -8.12
CA ASP A 215 -4.83 24.15 -7.23
C ASP A 215 -4.61 23.41 -5.90
N HIS A 216 -4.43 22.10 -5.99
CA HIS A 216 -3.93 21.33 -4.87
C HIS A 216 -2.48 21.00 -5.16
N LYS A 217 -1.64 21.11 -4.14
CA LYS A 217 -0.26 20.64 -4.23
C LYS A 217 -0.09 19.52 -3.20
N PHE A 218 0.97 18.75 -3.38
CA PHE A 218 1.24 17.60 -2.55
C PHE A 218 2.52 17.86 -1.78
N THR A 219 3.20 16.81 -1.33
CA THR A 219 4.48 16.99 -0.66
C THR A 219 5.61 16.65 -1.64
N PRO A 220 6.82 17.14 -1.37
CA PRO A 220 7.98 16.77 -2.18
C PRO A 220 8.11 15.25 -2.35
N LEU A 221 7.91 14.49 -1.27
CA LEU A 221 8.07 13.04 -1.30
C LEU A 221 7.03 12.38 -2.20
N LEU A 222 5.77 12.73 -2.02
CA LEU A 222 4.69 12.23 -2.87
C LEU A 222 4.90 12.67 -4.32
N GLU A 223 5.30 13.92 -4.51
CA GLU A 223 5.57 14.45 -5.83
C GLU A 223 6.64 13.65 -6.56
N GLU A 224 7.63 13.16 -5.83
CA GLU A 224 8.68 12.34 -6.41
C GLU A 224 8.17 10.94 -6.74
N ILE A 225 7.53 10.30 -5.77
CA ILE A 225 7.11 8.90 -5.93
C ILE A 225 5.96 8.74 -6.94
N TRP A 226 5.14 9.78 -7.11
CA TRP A 226 4.04 9.77 -8.10
C TRP A 226 4.34 10.54 -9.38
N ASP A 227 5.54 11.10 -9.50
CA ASP A 227 5.94 11.88 -10.69
C ASP A 227 5.10 13.15 -10.91
N VAL A 228 4.76 13.85 -9.83
CA VAL A 228 4.02 15.10 -9.94
C VAL A 228 5.01 16.27 -10.16
N ASP B 1 17.87 12.21 -9.93
CA ASP B 1 16.49 12.18 -10.50
C ASP B 1 15.44 11.93 -9.42
N HIS B 2 15.70 10.95 -8.55
CA HIS B 2 14.79 10.62 -7.44
C HIS B 2 15.54 10.71 -6.12
N GLN B 3 15.99 11.92 -5.79
CA GLN B 3 16.86 12.16 -4.65
C GLN B 3 16.27 11.77 -3.30
N LEU B 4 15.03 12.18 -3.03
CA LEU B 4 14.41 11.93 -1.72
C LEU B 4 14.21 10.45 -1.41
N LEU B 5 13.83 9.65 -2.41
CA LEU B 5 13.71 8.20 -2.24
C LEU B 5 15.08 7.55 -1.97
N ARG B 6 16.10 7.98 -2.70
CA ARG B 6 17.47 7.52 -2.44
C ARG B 6 17.88 7.82 -1.00
N TYR B 7 17.65 9.06 -0.58
CA TYR B 7 17.97 9.48 0.79
C TYR B 7 17.31 8.60 1.86
N LEU B 8 16.04 8.25 1.66
CA LEU B 8 15.32 7.39 2.61
C LEU B 8 15.86 5.95 2.60
N LEU B 9 16.24 5.47 1.41
CA LEU B 9 16.82 4.14 1.28
C LEU B 9 18.17 4.03 1.98
N ASP B 10 19.00 5.06 1.83
CA ASP B 10 20.36 5.06 2.38
C ASP B 10 20.41 5.38 3.88
N LYS B 11 19.37 6.00 4.41
CA LYS B 11 19.31 6.37 5.83
C LYS B 11 19.13 5.13 6.71
C1 89P C . -2.44 12.60 -1.39
C2 89P C . -3.84 12.38 -0.82
C3 89P C . -4.78 13.51 -1.17
C4 89P C . -4.35 11.09 -1.34
O5 89P C . -4.51 10.94 -2.67
N6 89P C . -5.01 9.64 -3.03
C7 89P C . -5.17 8.94 -1.88
C8 89P C . -4.76 9.82 -0.74
C9 89P C . -4.76 9.48 0.74
O10 89P C . -4.18 8.19 0.88
C11 89P C . -3.98 7.60 2.09
C12 89P C . -2.75 7.03 2.30
C13 89P C . -2.47 6.39 3.49
C14 89P C . -3.41 6.28 4.49
C15 89P C . -4.67 6.86 4.29
C16 89P C . -4.96 7.51 3.07
C17 89P C . -3.03 5.59 5.77
C18 89P C . -1.96 4.70 5.77
C19 89P C . -1.56 4.09 6.95
C20 89P C . -2.22 4.36 8.13
N21 89P C . -1.82 3.76 9.26
C22 89P C . -2.43 3.99 10.44
C23 89P C . -3.50 4.88 10.52
C24 89P C . -3.93 5.53 9.36
C25 89P C . -3.28 5.27 8.15
C26 89P C . -3.68 5.88 6.97
C27 89P C . -1.91 3.28 11.66
O28 89P C . -2.41 3.43 12.76
O29 89P C . -0.84 2.50 11.50
C30 89P C . -5.64 7.54 -1.72
C31 89P C . -6.92 7.30 -1.27
CL32 89P C . -8.00 8.69 -0.95
C33 89P C . -7.37 6.00 -1.09
C34 89P C . -6.52 4.92 -1.35
C35 89P C . -5.22 5.17 -1.78
C36 89P C . -4.79 6.48 -1.96
CL37 89P C . -3.14 6.78 -2.53
S SO4 D . -3.74 14.75 20.96
O1 SO4 D . -2.46 14.60 20.25
O2 SO4 D . -4.81 14.75 19.98
O3 SO4 D . -3.74 16.01 21.69
O4 SO4 D . -3.90 13.65 21.91
#